data_2XXN
#
_entry.id   2XXN
#
_cell.length_a   72.462
_cell.length_b   72.462
_cell.length_c   53.840
_cell.angle_alpha   90.00
_cell.angle_beta   90.00
_cell.angle_gamma   120.00
#
_symmetry.space_group_name_H-M   'P 32 2 1'
#
loop_
_entity.id
_entity.type
_entity.pdbx_description
1 polymer 'UBIQUITIN CARBOXYL-TERMINAL HYDROLASE 7'
2 polymer K10
3 water water
#
loop_
_entity_poly.entity_id
_entity_poly.type
_entity_poly.pdbx_seq_one_letter_code
_entity_poly.pdbx_strand_id
1 'polypeptide(L)'
;TSWRSEATFQFTVERFSRLSESVLSPPCFVRNLPWKIMVMPRFYPDRPHQKSVGFFLQCNAESDSTSWSCHAQAVLKIIN
YRDDEKSFSRRISHLFFHKENDWGFSNFMAWSEVTDPEKGFIDDDKVTFEVFVQADAPHGVAW
;
A
2 'polypeptide(L)' SVWIPVNEGASTSGM B
#
# COMPACT_ATOMS: atom_id res chain seq x y z
N THR A 1 17.95 0.45 11.51
CA THR A 1 17.41 0.20 12.88
C THR A 1 15.88 0.10 12.90
N SER A 2 15.36 -0.68 13.84
CA SER A 2 13.90 -0.93 13.93
C SER A 2 13.10 0.29 14.37
N TRP A 3 13.71 1.13 15.21
CA TRP A 3 13.00 2.24 15.83
C TRP A 3 12.94 3.51 14.98
N ARG A 4 13.58 3.47 13.81
CA ARG A 4 13.58 4.61 12.87
C ARG A 4 12.17 5.14 12.65
N SER A 5 12.06 6.45 12.49
CA SER A 5 10.77 7.11 12.36
C SER A 5 10.17 6.97 10.96
N GLU A 6 11.02 6.67 9.97
CA GLU A 6 10.55 6.58 8.59
C GLU A 6 11.41 5.65 7.76
N ALA A 7 10.83 5.15 6.68
CA ALA A 7 11.52 4.28 5.73
C ALA A 7 10.80 4.26 4.40
N THR A 8 11.56 3.96 3.36
CA THR A 8 10.99 3.74 2.04
C THR A 8 11.37 2.32 1.65
N PHE A 9 10.38 1.54 1.24
CA PHE A 9 10.67 0.19 0.74
C PHE A 9 9.80 -0.14 -0.46
N GLN A 10 10.33 -1.00 -1.34
CA GLN A 10 9.63 -1.42 -2.55
C GLN A 10 9.19 -2.87 -2.46
N PHE A 11 8.20 -3.21 -3.29
CA PHE A 11 7.70 -4.57 -3.40
C PHE A 11 7.34 -4.82 -4.86
N THR A 12 8.07 -5.75 -5.48
CA THR A 12 7.83 -6.10 -6.87
C THR A 12 6.96 -7.34 -6.94
N VAL A 13 5.85 -7.23 -7.68
CA VAL A 13 4.95 -8.36 -7.90
C VAL A 13 5.19 -8.91 -9.30
N GLU A 14 5.70 -10.13 -9.35
CA GLU A 14 5.95 -10.82 -10.62
C GLU A 14 4.69 -11.57 -11.06
N ARG A 15 4.62 -11.91 -12.35
CA ARG A 15 3.43 -12.54 -12.94
C ARG A 15 2.16 -11.78 -12.55
N PHE A 16 2.25 -10.46 -12.62
CA PHE A 16 1.19 -9.58 -12.14
C PHE A 16 -0.18 -9.85 -12.78
N SER A 17 -0.17 -10.13 -14.08
CA SER A 17 -1.40 -10.41 -14.84
C SER A 17 -2.20 -11.60 -14.27
N ARG A 18 -1.52 -12.50 -13.58
CA ARG A 18 -2.15 -13.71 -13.04
C ARG A 18 -2.63 -13.56 -11.59
N LEU A 19 -2.38 -12.40 -10.98
CA LEU A 19 -2.78 -12.19 -9.59
C LEU A 19 -4.30 -12.30 -9.44
N SER A 20 -4.75 -13.06 -8.44
CA SER A 20 -6.17 -13.28 -8.22
C SER A 20 -6.62 -12.86 -6.82
N GLU A 21 -5.67 -12.75 -5.91
CA GLU A 21 -5.94 -12.43 -4.52
C GLU A 21 -4.76 -11.65 -3.96
N SER A 22 -4.93 -11.11 -2.75
CA SER A 22 -3.89 -10.32 -2.11
C SER A 22 -2.53 -11.03 -2.11
N VAL A 23 -1.50 -10.26 -2.43
CA VAL A 23 -0.11 -10.69 -2.26
C VAL A 23 0.53 -9.68 -1.28
N LEU A 24 1.38 -10.17 -0.39
CA LEU A 24 1.95 -9.36 0.68
C LEU A 24 3.47 -9.38 0.64
N SER A 25 4.09 -8.23 0.92
CA SER A 25 5.53 -8.14 1.04
C SER A 25 5.99 -8.76 2.37
N PRO A 26 7.29 -9.08 2.48
CA PRO A 26 7.84 -9.34 3.80
C PRO A 26 7.80 -8.05 4.65
N PRO A 27 7.86 -8.18 5.98
CA PRO A 27 7.78 -6.98 6.82
C PRO A 27 9.00 -6.04 6.70
N CYS A 28 8.73 -4.75 6.88
CA CYS A 28 9.75 -3.73 6.98
C CYS A 28 9.51 -3.01 8.29
N PHE A 29 10.53 -2.92 9.14
CA PHE A 29 10.36 -2.32 10.47
C PHE A 29 10.56 -0.82 10.50
N VAL A 30 9.55 -0.13 11.06
CA VAL A 30 9.56 1.31 11.29
C VAL A 30 8.89 1.53 12.64
N ARG A 31 9.50 2.35 13.49
CA ARG A 31 8.97 2.62 14.84
C ARG A 31 8.71 1.34 15.64
N ASN A 32 9.60 0.37 15.46
CA ASN A 32 9.55 -0.91 16.17
C ASN A 32 8.36 -1.81 15.82
N LEU A 33 7.67 -1.50 14.72
CA LEU A 33 6.57 -2.31 14.22
C LEU A 33 6.81 -2.76 12.78
N PRO A 34 6.27 -3.95 12.41
CA PRO A 34 6.40 -4.41 11.03
C PRO A 34 5.33 -3.83 10.11
N TRP A 35 5.75 -3.40 8.92
CA TRP A 35 4.88 -2.84 7.90
C TRP A 35 5.00 -3.65 6.63
N LYS A 36 3.88 -3.85 5.93
CA LYS A 36 3.87 -4.60 4.68
C LYS A 36 3.09 -3.87 3.62
N ILE A 37 3.45 -4.10 2.37
CA ILE A 37 2.65 -3.69 1.23
C ILE A 37 1.72 -4.84 0.84
N MET A 38 0.44 -4.50 0.66
CA MET A 38 -0.57 -5.46 0.22
C MET A 38 -1.17 -4.99 -1.10
N VAL A 39 -1.19 -5.89 -2.09
CA VAL A 39 -1.70 -5.58 -3.41
C VAL A 39 -2.70 -6.67 -3.81
N MET A 40 -3.82 -6.27 -4.42
CA MET A 40 -4.85 -7.23 -4.82
C MET A 40 -5.67 -6.68 -5.97
N PRO A 41 -6.19 -7.57 -6.85
CA PRO A 41 -7.21 -7.08 -7.78
C PRO A 41 -8.53 -6.89 -7.03
N ARG A 42 -9.30 -5.88 -7.43
CA ARG A 42 -10.58 -5.58 -6.79
C ARG A 42 -11.61 -5.27 -7.84
N PHE A 43 -12.85 -5.71 -7.64
CA PHE A 43 -13.96 -5.18 -8.41
C PHE A 43 -15.25 -5.24 -7.63
N TYR A 44 -16.23 -4.49 -8.11
CA TYR A 44 -17.54 -4.41 -7.48
C TYR A 44 -18.57 -4.86 -8.50
N PRO A 45 -19.61 -5.57 -8.03
CA PRO A 45 -20.59 -6.15 -8.94
C PRO A 45 -21.29 -5.15 -9.87
N ASP A 46 -21.41 -3.91 -9.41
CA ASP A 46 -22.08 -2.87 -10.19
C ASP A 46 -21.18 -2.16 -11.20
N ARG A 47 -19.89 -2.51 -11.20
CA ARG A 47 -18.91 -1.98 -12.14
C ARG A 47 -17.93 -3.09 -12.56
N PRO A 48 -18.44 -4.15 -13.21
CA PRO A 48 -17.60 -5.31 -13.50
C PRO A 48 -16.51 -5.04 -14.56
N HIS A 49 -16.62 -3.90 -15.23
CA HIS A 49 -15.67 -3.49 -16.26
C HIS A 49 -14.58 -2.58 -15.72
N GLN A 50 -14.60 -2.30 -14.41
CA GLN A 50 -13.67 -1.34 -13.82
C GLN A 50 -12.77 -1.95 -12.74
N LYS A 51 -12.36 -3.20 -12.96
CA LYS A 51 -11.41 -3.87 -12.06
C LYS A 51 -10.22 -2.96 -11.78
N SER A 52 -9.81 -2.91 -10.51
CA SER A 52 -8.75 -2.01 -10.09
C SER A 52 -7.62 -2.74 -9.41
N VAL A 53 -6.47 -2.08 -9.33
CA VAL A 53 -5.43 -2.49 -8.40
C VAL A 53 -5.76 -1.90 -7.04
N GLY A 54 -5.92 -2.76 -6.03
CA GLY A 54 -6.01 -2.35 -4.64
C GLY A 54 -4.61 -2.36 -4.06
N PHE A 55 -4.25 -1.26 -3.37
CA PHE A 55 -2.89 -1.03 -2.91
C PHE A 55 -3.00 -0.50 -1.48
N PHE A 56 -2.52 -1.28 -0.51
CA PHE A 56 -2.66 -0.93 0.91
C PHE A 56 -1.34 -1.03 1.68
N LEU A 57 -1.22 -0.21 2.71
CA LEU A 57 -0.17 -0.35 3.70
C LEU A 57 -0.75 -1.05 4.92
N GLN A 58 -0.06 -2.10 5.39
CA GLN A 58 -0.55 -2.94 6.47
C GLN A 58 0.42 -2.91 7.64
N CYS A 59 -0.10 -2.63 8.84
CA CYS A 59 0.73 -2.49 10.04
C CYS A 59 0.41 -3.58 11.05
N ASN A 60 1.45 -4.33 11.44
CA ASN A 60 1.38 -5.22 12.60
C ASN A 60 0.22 -6.22 12.54
N ALA A 61 -0.12 -6.68 11.32
CA ALA A 61 -1.29 -7.55 11.15
C ALA A 61 -1.06 -8.97 11.68
N GLU A 62 0.20 -9.35 11.91
CA GLU A 62 0.51 -10.66 12.48
C GLU A 62 0.11 -10.73 13.95
N SER A 63 -0.14 -9.56 14.54
CA SER A 63 -0.58 -9.47 15.93
C SER A 63 -2.10 -9.44 16.01
N ASP A 64 -2.63 -10.14 17.00
CA ASP A 64 -4.06 -10.04 17.32
C ASP A 64 -4.29 -9.17 18.55
N SER A 65 -3.26 -8.46 18.99
CA SER A 65 -3.36 -7.57 20.15
C SER A 65 -4.30 -6.40 19.91
N THR A 66 -5.17 -6.15 20.88
CA THR A 66 -6.10 -5.04 20.83
C THR A 66 -5.54 -3.77 21.49
N SER A 67 -4.31 -3.86 21.99
N SER A 67 -4.31 -3.86 22.00
CA SER A 67 -3.69 -2.76 22.75
CA SER A 67 -3.71 -2.73 22.73
C SER A 67 -2.88 -1.78 21.91
C SER A 67 -2.92 -1.75 21.87
N TRP A 68 -2.29 -2.25 20.81
CA TRP A 68 -1.38 -1.42 20.01
C TRP A 68 -2.11 -0.41 19.13
N SER A 69 -1.45 0.73 18.91
CA SER A 69 -1.88 1.66 17.87
C SER A 69 -0.67 2.44 17.36
N CYS A 70 -0.76 2.90 16.12
CA CYS A 70 0.33 3.69 15.54
C CYS A 70 -0.23 4.57 14.43
N HIS A 71 -0.08 5.88 14.58
CA HIS A 71 -0.49 6.81 13.53
C HIS A 71 0.64 6.96 12.53
N ALA A 72 0.33 6.83 11.24
CA ALA A 72 1.36 7.03 10.22
C ALA A 72 0.85 7.79 8.99
N GLN A 73 1.76 8.56 8.40
CA GLN A 73 1.63 9.12 7.05
C GLN A 73 2.28 8.16 6.09
N ALA A 74 1.80 8.10 4.85
CA ALA A 74 2.52 7.35 3.82
C ALA A 74 2.25 7.86 2.42
N VAL A 75 3.26 7.71 1.56
CA VAL A 75 3.10 7.90 0.13
C VAL A 75 3.08 6.51 -0.50
N LEU A 76 1.97 6.18 -1.15
CA LEU A 76 1.81 4.94 -1.87
C LEU A 76 2.02 5.19 -3.37
N LYS A 77 3.07 4.57 -3.91
CA LYS A 77 3.53 4.85 -5.25
C LYS A 77 3.65 3.57 -6.09
N ILE A 78 3.18 3.67 -7.35
N ILE A 78 3.21 3.69 -7.36
CA ILE A 78 3.52 2.64 -8.34
CA ILE A 78 3.50 2.67 -8.36
C ILE A 78 4.59 3.23 -9.25
C ILE A 78 4.59 3.23 -9.29
N ILE A 79 5.68 2.55 -9.43
CA ILE A 79 6.84 3.00 -10.17
C ILE A 79 6.61 2.83 -11.67
N ASN A 80 6.82 3.90 -12.40
CA ASN A 80 6.83 3.81 -13.85
C ASN A 80 8.25 3.45 -14.25
N TYR A 81 8.43 2.25 -14.81
CA TYR A 81 9.75 1.74 -15.14
C TYR A 81 10.38 2.45 -16.34
N ARG A 82 9.53 2.93 -17.26
CA ARG A 82 10.00 3.62 -18.47
C ARG A 82 10.46 5.05 -18.19
N ASP A 83 9.73 5.74 -17.33
CA ASP A 83 10.04 7.12 -16.98
C ASP A 83 9.75 7.36 -15.50
N ASP A 84 10.81 7.41 -14.71
CA ASP A 84 10.73 7.58 -13.25
C ASP A 84 10.03 8.87 -12.83
N GLU A 85 9.86 9.80 -13.76
CA GLU A 85 9.13 11.04 -13.52
C GLU A 85 7.63 10.87 -13.79
N LYS A 86 7.24 9.70 -14.31
CA LYS A 86 5.84 9.41 -14.62
C LYS A 86 5.21 8.40 -13.64
N SER A 87 5.89 8.15 -12.52
CA SER A 87 5.33 7.30 -11.47
C SER A 87 4.10 7.96 -10.86
N PHE A 88 3.24 7.15 -10.24
CA PHE A 88 1.97 7.63 -9.73
C PHE A 88 1.86 7.35 -8.25
N SER A 89 1.53 8.38 -7.47
CA SER A 89 1.43 8.22 -6.02
C SER A 89 0.24 8.95 -5.44
N ARG A 90 -0.23 8.43 -4.30
CA ARG A 90 -1.34 8.99 -3.56
C ARG A 90 -1.00 8.88 -2.07
N ARG A 91 -1.33 9.94 -1.32
CA ARG A 91 -0.94 10.06 0.09
C ARG A 91 -2.03 9.61 1.04
N ILE A 92 -1.62 9.03 2.17
CA ILE A 92 -2.53 8.62 3.24
C ILE A 92 -2.08 9.12 4.61
N SER A 93 -3.02 9.14 5.56
CA SER A 93 -2.77 9.42 6.97
C SER A 93 -3.78 8.61 7.76
N HIS A 94 -3.31 7.80 8.72
CA HIS A 94 -4.22 6.85 9.37
C HIS A 94 -3.70 6.38 10.72
N LEU A 95 -4.62 6.25 11.68
CA LEU A 95 -4.31 5.57 12.94
C LEU A 95 -4.50 4.07 12.75
N PHE A 96 -3.38 3.35 12.68
CA PHE A 96 -3.40 1.90 12.56
C PHE A 96 -3.65 1.27 13.93
N PHE A 97 -4.51 0.25 13.95
CA PHE A 97 -4.75 -0.58 15.13
C PHE A 97 -5.46 -1.84 14.67
N HIS A 98 -5.76 -2.76 15.59
CA HIS A 98 -6.26 -4.09 15.23
C HIS A 98 -7.45 -4.11 14.27
N LYS A 99 -8.44 -3.24 14.50
CA LYS A 99 -9.67 -3.22 13.67
C LYS A 99 -9.45 -2.57 12.31
N GLU A 100 -8.41 -1.74 12.20
CA GLU A 100 -8.10 -1.03 10.96
C GLU A 100 -6.59 -1.08 10.74
N ASN A 101 -6.08 -2.30 10.53
CA ASN A 101 -4.63 -2.50 10.47
C ASN A 101 -4.06 -2.33 9.07
N ASP A 102 -4.91 -2.02 8.10
CA ASP A 102 -4.43 -1.58 6.80
C ASP A 102 -5.18 -0.34 6.34
N TRP A 103 -4.60 0.34 5.36
CA TRP A 103 -5.16 1.60 4.84
C TRP A 103 -4.53 1.88 3.50
N GLY A 104 -5.33 2.38 2.59
CA GLY A 104 -4.86 2.60 1.22
C GLY A 104 -6.02 2.79 0.29
N PHE A 105 -5.89 2.25 -0.92
CA PHE A 105 -6.85 2.55 -1.97
C PHE A 105 -7.32 1.29 -2.68
N SER A 106 -8.61 0.99 -2.54
N SER A 106 -8.61 1.00 -2.55
CA SER A 106 -9.19 -0.15 -3.24
CA SER A 106 -9.21 -0.15 -3.23
C SER A 106 -9.13 0.08 -4.74
C SER A 106 -9.26 0.07 -4.73
N ASN A 107 -9.33 1.34 -5.13
CA ASN A 107 -9.33 1.76 -6.53
C ASN A 107 -8.12 2.65 -6.77
N PHE A 108 -6.92 2.10 -6.59
CA PHE A 108 -5.70 2.90 -6.71
C PHE A 108 -5.50 3.38 -8.16
N MET A 109 -5.63 2.43 -9.09
CA MET A 109 -5.56 2.67 -10.52
C MET A 109 -6.37 1.57 -11.19
N ALA A 110 -6.87 1.82 -12.40
CA ALA A 110 -7.57 0.78 -13.16
C ALA A 110 -6.59 -0.35 -13.50
N TRP A 111 -7.05 -1.59 -13.35
CA TRP A 111 -6.23 -2.76 -13.67
C TRP A 111 -5.77 -2.74 -15.14
N SER A 112 -6.67 -2.33 -16.03
CA SER A 112 -6.36 -2.27 -17.46
C SER A 112 -5.23 -1.29 -17.78
N GLU A 113 -5.09 -0.27 -16.97
CA GLU A 113 -4.03 0.72 -17.19
C GLU A 113 -2.68 0.31 -16.63
N VAL A 114 -2.68 -0.23 -15.42
CA VAL A 114 -1.44 -0.74 -14.85
C VAL A 114 -0.83 -1.84 -15.72
N THR A 115 -1.68 -2.70 -16.29
CA THR A 115 -1.22 -3.84 -17.08
C THR A 115 -1.01 -3.52 -18.57
N ASP A 116 -1.27 -2.28 -18.96
CA ASP A 116 -1.07 -1.84 -20.35
C ASP A 116 0.41 -1.57 -20.59
N PRO A 117 1.08 -2.38 -21.42
CA PRO A 117 2.52 -2.21 -21.62
C PRO A 117 2.92 -0.81 -22.11
N GLU A 118 2.00 -0.14 -22.79
CA GLU A 118 2.28 1.20 -23.33
C GLU A 118 2.31 2.29 -22.27
N LYS A 119 1.77 2.00 -21.08
CA LYS A 119 1.68 2.99 -20.01
C LYS A 119 2.95 3.10 -19.15
N GLY A 120 3.77 2.05 -19.16
CA GLY A 120 5.10 2.13 -18.54
C GLY A 120 5.24 1.62 -17.11
N PHE A 121 4.17 1.05 -16.55
CA PHE A 121 4.22 0.53 -15.19
C PHE A 121 4.62 -0.95 -15.13
N ILE A 122 4.37 -1.67 -16.22
CA ILE A 122 4.58 -3.11 -16.23
C ILE A 122 5.71 -3.49 -17.19
N ASP A 123 6.59 -4.38 -16.76
CA ASP A 123 7.68 -4.89 -17.61
C ASP A 123 7.94 -6.35 -17.28
N ASP A 124 7.95 -7.20 -18.31
CA ASP A 124 8.17 -8.65 -18.10
C ASP A 124 7.14 -9.16 -17.08
N ASP A 125 5.92 -8.61 -17.16
CA ASP A 125 4.80 -8.90 -16.26
C ASP A 125 5.11 -8.63 -14.78
N LYS A 126 6.00 -7.68 -14.53
CA LYS A 126 6.35 -7.26 -13.17
C LYS A 126 5.92 -5.81 -12.94
N VAL A 127 5.32 -5.55 -11.78
CA VAL A 127 4.94 -4.21 -11.37
C VAL A 127 5.57 -3.96 -10.00
N THR A 128 6.18 -2.77 -9.83
CA THR A 128 6.85 -2.42 -8.59
C THR A 128 6.11 -1.34 -7.83
N PHE A 129 5.81 -1.65 -6.57
CA PHE A 129 5.13 -0.75 -5.65
C PHE A 129 6.13 -0.20 -4.65
N GLU A 130 5.86 1.00 -4.14
CA GLU A 130 6.74 1.60 -3.15
C GLU A 130 5.93 2.35 -2.11
N VAL A 131 6.34 2.22 -0.85
CA VAL A 131 5.75 3.01 0.22
C VAL A 131 6.85 3.79 0.95
N PHE A 132 6.61 5.08 1.15
CA PHE A 132 7.40 5.92 2.05
C PHE A 132 6.53 6.14 3.28
N VAL A 133 6.88 5.50 4.39
N VAL A 133 6.90 5.49 4.38
CA VAL A 133 6.06 5.57 5.60
CA VAL A 133 6.16 5.53 5.64
C VAL A 133 6.74 6.38 6.69
C VAL A 133 6.82 6.53 6.57
N GLN A 134 6.01 7.38 7.20
CA GLN A 134 6.50 8.25 8.26
C GLN A 134 5.59 8.03 9.45
N ALA A 135 6.04 7.21 10.39
CA ALA A 135 5.19 6.74 11.49
C ALA A 135 5.51 7.45 12.79
N ASP A 136 4.49 7.64 13.62
CA ASP A 136 4.67 8.15 14.97
C ASP A 136 5.07 7.01 15.90
N ALA A 137 5.58 7.36 17.08
CA ALA A 137 5.82 6.35 18.12
C ALA A 137 4.50 5.63 18.42
N PRO A 138 4.52 4.29 18.43
CA PRO A 138 3.30 3.57 18.74
C PRO A 138 2.95 3.61 20.22
N HIS A 139 1.69 3.30 20.54
CA HIS A 139 1.27 3.06 21.90
C HIS A 139 0.86 1.60 22.07
N GLY A 140 0.87 1.12 23.30
CA GLY A 140 0.36 -0.22 23.60
C GLY A 140 1.24 -1.36 23.10
N VAL A 141 2.54 -1.10 22.98
CA VAL A 141 3.49 -2.15 22.55
C VAL A 141 4.53 -2.48 23.64
N ALA A 142 5.18 -1.45 24.19
CA ALA A 142 6.19 -1.65 25.24
C ALA A 142 5.57 -1.48 26.63
N TRP A 143 5.97 -2.35 27.56
CA TRP A 143 5.47 -2.31 28.93
C TRP A 143 6.04 -1.12 29.71
N SER B 1 4.13 16.56 -9.88
CA SER B 1 3.52 17.50 -8.90
C SER B 1 2.47 16.81 -8.05
N VAL B 2 2.60 16.98 -6.73
CA VAL B 2 1.68 16.39 -5.74
C VAL B 2 0.57 17.36 -5.35
N TRP B 3 -0.67 17.10 -5.81
CA TRP B 3 -1.79 17.97 -5.48
C TRP B 3 -2.98 17.31 -4.80
N ILE B 4 -3.25 16.05 -5.12
CA ILE B 4 -4.48 15.47 -4.58
C ILE B 4 -4.39 15.34 -3.05
N PRO B 5 -5.37 15.90 -2.32
CA PRO B 5 -5.31 15.87 -0.86
C PRO B 5 -5.16 14.48 -0.27
N VAL B 6 -4.52 14.44 0.90
CA VAL B 6 -4.36 13.21 1.66
C VAL B 6 -5.70 12.49 1.83
N ASN B 7 -5.66 11.16 1.66
CA ASN B 7 -6.79 10.25 1.91
C ASN B 7 -7.95 10.26 0.93
N GLU B 8 -7.83 10.98 -0.18
CA GLU B 8 -8.93 11.00 -1.17
C GLU B 8 -9.13 9.61 -1.73
N GLY B 9 -10.30 9.03 -1.47
CA GLY B 9 -10.60 7.66 -1.88
C GLY B 9 -9.98 6.56 -1.03
N ALA B 10 -9.40 6.93 0.11
CA ALA B 10 -8.72 5.96 0.99
C ALA B 10 -9.70 5.24 1.92
N SER B 11 -9.36 4.01 2.27
CA SER B 11 -10.15 3.20 3.19
C SER B 11 -9.31 2.02 3.64
N THR B 12 -9.86 1.21 4.56
CA THR B 12 -9.30 -0.11 4.84
C THR B 12 -9.61 -1.04 3.65
N SER B 13 -8.95 -2.18 3.60
CA SER B 13 -9.20 -3.15 2.53
C SER B 13 -10.49 -3.94 2.76
N GLY B 14 -10.93 -4.01 4.01
CA GLY B 14 -12.05 -4.87 4.38
C GLY B 14 -11.62 -6.31 4.66
N MET B 15 -10.33 -6.59 4.48
CA MET B 15 -9.77 -7.92 4.74
C MET B 15 -9.65 -8.19 6.23
#